data_3P8E
#
_entry.id   3P8E
#
_cell.length_a   47.210
_cell.length_b   80.900
_cell.length_c   74.090
_cell.angle_alpha   90.00
_cell.angle_beta   90.13
_cell.angle_gamma   90.00
#
_symmetry.space_group_name_H-M   'P 1 21 1'
#
loop_
_entity.id
_entity.type
_entity.pdbx_description
1 polymer 'N(G),N(G)-dimethylarginine dimethylaminohydrolase 1'
2 non-polymer N~5~-[(1S)-1-aminopentyl]-L-ornithine
3 water water
#
_entity_poly.entity_id   1
_entity_poly.type   'polypeptide(L)'
_entity_poly.pdbx_seq_one_letter_code
;MGSSHHHHHHSSGLVPRGSHMASMAGLGHPAAFGRATHAVVRALPESLGQHALRSAKGEEVDVARAERQHQLYVGVLGSK
LGLQVVELPADESLPDCVFVEDVAVVCEETALITRPGAPSRRKEVDMMKEALEKLQLNIVEMKDENATLDGGDVLFTGRE
FFVGLSKRTNQRGAEILADTFKDYAVSTVPVADGLHLKSFCSMAGPNLIAIGSSESAQKALKIMQQMSDHRYDKLTVPDD
IAANCIYLNIPNKGHVLLHRTPEEYPESAKVYEKLKDHMLIPVSMSELEKVDGLLTCCSVLINKKVDS
;
_entity_poly.pdbx_strand_id   A,B
#
loop_
_chem_comp.id
_chem_comp.type
_chem_comp.name
_chem_comp.formula
LN7 non-polymer N~5~-[(1S)-1-aminopentyl]-L-ornithine 'C10 H23 N3 O2'
#
# COMPACT_ATOMS: atom_id res chain seq x y z
N ALA A 32 26.37 14.96 18.27
CA ALA A 32 26.61 13.91 17.25
C ALA A 32 25.62 13.95 16.08
N PHE A 33 26.15 14.02 14.85
CA PHE A 33 25.29 14.24 13.68
C PHE A 33 24.34 13.09 13.33
N GLY A 34 23.08 13.42 13.08
CA GLY A 34 22.08 12.45 12.69
C GLY A 34 21.61 11.63 13.88
N ARG A 35 21.86 12.13 15.09
CA ARG A 35 21.34 11.47 16.29
C ARG A 35 19.95 12.01 16.60
N ALA A 36 18.97 11.13 16.64
CA ALA A 36 17.59 11.53 16.88
C ALA A 36 16.94 10.66 17.94
N THR A 37 15.97 11.21 18.65
CA THR A 37 15.23 10.44 19.64
C THR A 37 13.73 10.32 19.29
N HIS A 38 13.26 11.26 18.48
CA HIS A 38 11.86 11.36 18.17
C HIS A 38 11.68 11.63 16.69
N ALA A 39 10.47 11.44 16.20
CA ALA A 39 10.13 11.81 14.82
C ALA A 39 8.66 12.13 14.73
N VAL A 40 8.34 13.26 14.10
CA VAL A 40 6.96 13.59 13.83
C VAL A 40 6.62 13.23 12.39
N VAL A 41 5.60 12.40 12.26
CA VAL A 41 5.06 11.99 10.98
C VAL A 41 3.56 12.24 10.98
N ARG A 42 2.92 12.01 9.84
CA ARG A 42 1.51 12.28 9.73
C ARG A 42 0.88 11.40 8.67
N ALA A 43 -0.29 10.87 8.99
CA ALA A 43 -0.97 9.95 8.09
C ALA A 43 -1.46 10.70 6.85
N LEU A 44 -1.44 10.01 5.72
CA LEU A 44 -1.93 10.63 4.50
C LEU A 44 -3.42 10.43 4.39
N PRO A 45 -4.12 11.45 3.88
CA PRO A 45 -5.56 11.37 3.69
C PRO A 45 -5.89 10.65 2.37
N GLU A 46 -7.13 10.18 2.24
CA GLU A 46 -7.57 9.52 1.02
C GLU A 46 -7.55 10.51 -0.14
N SER A 47 -7.72 11.78 0.19
CA SER A 47 -7.79 12.83 -0.82
C SER A 47 -6.45 13.05 -1.53
N LEU A 48 -5.39 12.42 -1.03
CA LEU A 48 -4.06 12.67 -1.57
C LEU A 48 -3.96 12.17 -3.00
N GLY A 49 -4.41 10.94 -3.24
CA GLY A 49 -4.30 10.33 -4.55
C GLY A 49 -4.82 11.22 -5.65
N GLN A 50 -5.93 11.90 -5.37
CA GLN A 50 -6.58 12.74 -6.38
C GLN A 50 -6.24 14.21 -6.21
N HIS A 51 -5.95 14.63 -4.98
CA HIS A 51 -5.93 16.07 -4.68
C HIS A 51 -4.58 16.68 -4.33
N ALA A 52 -3.54 15.84 -4.14
CA ALA A 52 -2.22 16.31 -3.76
C ALA A 52 -1.52 16.97 -4.92
N LEU A 53 -0.90 18.13 -4.67
CA LEU A 53 -0.12 18.82 -5.69
C LEU A 53 0.93 17.91 -6.29
N ARG A 54 1.25 18.11 -7.56
CA ARG A 54 2.22 17.26 -8.25
C ARG A 54 2.88 17.94 -9.47
N SER A 55 3.24 17.14 -10.48
CA SER A 55 3.79 17.66 -11.75
C SER A 55 4.08 16.53 -12.75
N GLY A 58 1.64 11.99 -14.68
CA GLY A 58 2.11 10.71 -14.17
C GLY A 58 1.00 9.70 -13.92
N GLU A 59 1.38 8.49 -13.50
CA GLU A 59 0.43 7.43 -13.24
C GLU A 59 -0.62 7.88 -12.25
N GLU A 60 -1.75 7.18 -12.21
CA GLU A 60 -2.68 7.30 -11.10
C GLU A 60 -2.03 6.74 -9.83
N VAL A 61 -2.20 7.47 -8.73
CA VAL A 61 -1.71 7.03 -7.42
C VAL A 61 -2.53 5.89 -6.87
N ASP A 62 -1.85 4.83 -6.45
CA ASP A 62 -2.51 3.80 -5.66
C ASP A 62 -2.47 4.22 -4.19
N VAL A 63 -3.62 4.57 -3.61
CA VAL A 63 -3.66 5.04 -2.22
C VAL A 63 -3.45 3.89 -1.24
N ALA A 64 -3.93 2.71 -1.58
CA ALA A 64 -3.73 1.56 -0.72
C ALA A 64 -2.25 1.30 -0.58
N ARG A 65 -1.55 1.33 -1.72
CA ARG A 65 -0.12 1.10 -1.77
C ARG A 65 0.70 2.17 -1.06
N ALA A 66 0.35 3.43 -1.24
CA ALA A 66 1.04 4.51 -0.57
C ALA A 66 0.85 4.33 0.92
N GLU A 67 -0.38 4.05 1.30
CA GLU A 67 -0.76 3.78 2.67
C GLU A 67 0.19 2.80 3.33
N ARG A 68 0.23 1.59 2.79
CA ARG A 68 1.16 0.55 3.24
C ARG A 68 2.57 1.11 3.36
N GLN A 69 3.09 1.61 2.25
CA GLN A 69 4.47 2.11 2.17
C GLN A 69 4.83 3.06 3.31
N HIS A 70 3.92 3.98 3.61
CA HIS A 70 4.12 4.95 4.66
C HIS A 70 4.06 4.27 6.01
N GLN A 71 3.32 3.18 6.10
CA GLN A 71 3.29 2.41 7.33
C GLN A 71 4.67 1.83 7.59
N LEU A 72 5.21 1.17 6.58
CA LEU A 72 6.51 0.55 6.68
C LEU A 72 7.51 1.60 7.09
N TYR A 73 7.47 2.73 6.40
CA TYR A 73 8.33 3.87 6.66
C TYR A 73 8.30 4.30 8.12
N VAL A 74 7.12 4.25 8.72
CA VAL A 74 6.97 4.67 10.11
C VAL A 74 7.57 3.64 11.07
N GLY A 75 7.57 2.39 10.65
CA GLY A 75 7.99 1.29 11.50
C GLY A 75 9.48 1.23 11.53
N VAL A 76 10.10 1.50 10.38
CA VAL A 76 11.55 1.55 10.33
C VAL A 76 12.05 2.54 11.36
N LEU A 77 11.54 3.77 11.33
CA LEU A 77 11.94 4.81 12.29
C LEU A 77 11.57 4.46 13.73
N GLY A 78 10.34 4.01 13.92
CA GLY A 78 9.79 3.77 15.24
C GLY A 78 10.02 2.39 15.80
N SER A 79 9.55 1.37 15.11
CA SER A 79 9.74 0.02 15.61
C SER A 79 11.19 -0.43 15.42
N LYS A 80 11.65 -0.45 14.18
CA LYS A 80 12.98 -0.99 13.88
C LYS A 80 14.13 -0.19 14.49
N LEU A 81 14.00 1.14 14.50
CA LEU A 81 15.07 2.03 14.95
C LEU A 81 14.83 2.54 16.37
N GLY A 82 13.63 2.33 16.88
CA GLY A 82 13.30 2.67 18.24
C GLY A 82 13.23 4.14 18.61
N LEU A 83 12.84 5.00 17.66
CA LEU A 83 12.56 6.39 17.97
C LEU A 83 11.15 6.50 18.50
N GLN A 84 10.92 7.44 19.42
CA GLN A 84 9.54 7.78 19.77
C GLN A 84 8.90 8.55 18.62
N VAL A 85 7.84 7.97 18.08
CA VAL A 85 7.13 8.59 16.98
C VAL A 85 5.83 9.24 17.46
N VAL A 86 5.66 10.51 17.11
CA VAL A 86 4.40 11.18 17.27
C VAL A 86 3.70 11.12 15.92
N GLU A 87 2.62 10.36 15.85
CA GLU A 87 1.86 10.25 14.62
C GLU A 87 0.69 11.21 14.64
N LEU A 88 0.66 12.16 13.70
CA LEU A 88 -0.49 13.04 13.57
C LEU A 88 -1.55 12.38 12.69
N PRO A 89 -2.83 12.70 12.91
CA PRO A 89 -3.90 12.13 12.10
C PRO A 89 -4.05 12.86 10.76
N ALA A 90 -4.46 12.11 9.74
CA ALA A 90 -4.70 12.70 8.42
C ALA A 90 -5.84 13.70 8.45
N ASP A 91 -5.59 14.88 7.89
CA ASP A 91 -6.69 15.78 7.62
C ASP A 91 -7.06 15.64 6.16
N GLU A 92 -8.20 15.01 5.90
CA GLU A 92 -8.69 14.81 4.55
C GLU A 92 -8.64 16.14 3.83
N SER A 93 -9.03 17.18 4.55
CA SER A 93 -9.01 18.56 4.06
C SER A 93 -7.68 18.98 3.41
N LEU A 94 -6.57 18.42 3.90
CA LEU A 94 -5.22 18.75 3.41
C LEU A 94 -4.53 17.54 2.75
N PRO A 95 -4.73 17.37 1.45
CA PRO A 95 -4.25 16.13 0.82
C PRO A 95 -2.73 15.99 0.87
N ASP A 96 -2.03 17.08 1.18
CA ASP A 96 -0.58 17.05 1.16
C ASP A 96 0.05 16.86 2.55
N CYS A 97 -0.82 16.74 3.56
CA CYS A 97 -0.43 16.80 4.98
C CYS A 97 0.65 15.80 5.43
N VAL A 98 0.77 14.68 4.72
CA VAL A 98 1.73 13.62 5.07
C VAL A 98 3.20 14.09 5.02
N PHE A 99 3.49 15.02 4.12
CA PHE A 99 4.84 15.50 3.90
C PHE A 99 5.23 16.55 4.95
N VAL A 100 5.52 16.07 6.17
CA VAL A 100 5.65 16.93 7.35
C VAL A 100 6.91 17.75 7.38
N GLU A 101 7.94 17.31 6.65
CA GLU A 101 9.19 18.06 6.66
C GLU A 101 9.00 19.47 6.16
N ASP A 102 8.13 19.65 5.17
CA ASP A 102 7.91 20.97 4.58
C ASP A 102 7.42 22.03 5.57
N VAL A 103 6.80 21.61 6.67
CA VAL A 103 6.20 22.56 7.61
C VAL A 103 7.08 22.99 8.78
N ALA A 104 8.16 22.25 9.04
CA ALA A 104 9.05 22.65 10.13
C ALA A 104 10.51 22.20 9.99
N VAL A 105 11.40 23.10 10.34
CA VAL A 105 12.81 22.78 10.45
C VAL A 105 13.17 22.81 11.94
N VAL A 106 13.93 21.80 12.37
CA VAL A 106 14.26 21.63 13.78
C VAL A 106 15.74 21.43 13.93
N CYS A 107 16.33 22.19 14.86
CA CYS A 107 17.77 22.11 15.08
C CYS A 107 18.03 22.27 16.56
N GLU A 108 18.62 21.24 17.16
CA GLU A 108 18.83 21.20 18.59
C GLU A 108 17.48 21.32 19.32
N GLU A 109 17.33 22.37 20.13
CA GLU A 109 16.11 22.53 20.87
C GLU A 109 15.18 23.56 20.22
N THR A 110 15.46 23.92 18.97
CA THR A 110 14.72 24.99 18.31
C THR A 110 13.89 24.54 17.11
N ALA A 111 12.59 24.76 17.20
CA ALA A 111 11.66 24.46 16.11
C ALA A 111 11.32 25.69 15.27
N LEU A 112 11.65 25.65 13.99
CA LEU A 112 11.12 26.63 13.07
C LEU A 112 9.89 26.06 12.42
N ILE A 113 8.74 26.71 12.65
CA ILE A 113 7.50 26.37 11.96
C ILE A 113 7.41 27.26 10.75
N THR A 114 7.43 26.66 9.56
CA THR A 114 7.65 27.43 8.33
C THR A 114 6.38 28.13 7.81
N ARG A 115 6.54 28.92 6.76
CA ARG A 115 5.41 29.43 5.98
C ARG A 115 5.48 28.89 4.54
N PRO A 116 4.89 27.71 4.31
CA PRO A 116 4.98 26.92 3.08
C PRO A 116 4.65 27.72 1.82
N GLY A 117 5.47 27.51 0.78
CA GLY A 117 5.30 28.18 -0.49
C GLY A 117 3.90 28.03 -1.06
N ALA A 118 3.38 26.80 -0.99
CA ALA A 118 2.00 26.52 -1.43
C ALA A 118 0.99 27.10 -0.45
N PRO A 119 0.26 28.14 -0.88
CA PRO A 119 -0.73 28.75 0.04
C PRO A 119 -1.60 27.70 0.72
N SER A 120 -2.11 26.73 -0.02
CA SER A 120 -3.11 25.82 0.53
C SER A 120 -2.59 24.99 1.70
N ARG A 121 -1.28 24.73 1.71
CA ARG A 121 -0.67 23.84 2.70
C ARG A 121 -0.38 24.51 4.05
N ARG A 122 -0.72 25.78 4.20
CA ARG A 122 -0.40 26.49 5.44
C ARG A 122 -1.22 26.08 6.66
N LYS A 123 -2.44 25.59 6.44
CA LYS A 123 -3.28 25.05 7.50
C LYS A 123 -2.72 23.74 8.09
N GLU A 124 -1.59 23.27 7.56
CA GLU A 124 -0.92 22.08 8.11
C GLU A 124 0.04 22.40 9.25
N VAL A 125 0.35 23.69 9.45
CA VAL A 125 1.28 24.12 10.48
C VAL A 125 0.65 24.05 11.87
N ASP A 126 -0.61 24.48 11.92
CA ASP A 126 -1.42 24.44 13.13
C ASP A 126 -1.11 23.19 13.95
N MET A 127 -1.40 22.03 13.37
CA MET A 127 -1.27 20.73 14.06
C MET A 127 0.19 20.34 14.38
N MET A 128 1.14 20.89 13.63
CA MET A 128 2.53 20.58 13.86
C MET A 128 3.07 21.42 15.03
N LYS A 129 2.59 22.65 15.16
CA LYS A 129 3.00 23.51 16.26
C LYS A 129 2.58 22.91 17.60
N GLU A 130 1.34 22.45 17.68
CA GLU A 130 0.84 21.72 18.84
C GLU A 130 1.86 20.67 19.32
N ALA A 131 2.17 19.76 18.41
CA ALA A 131 3.05 18.65 18.67
C ALA A 131 4.44 19.11 19.12
N LEU A 132 4.99 20.10 18.43
CA LEU A 132 6.32 20.61 18.76
C LEU A 132 6.28 21.34 20.07
N GLU A 133 5.09 21.71 20.51
CA GLU A 133 4.93 22.31 21.82
C GLU A 133 4.89 21.25 22.89
N LYS A 134 4.28 20.11 22.61
CA LYS A 134 4.30 18.98 23.55
C LYS A 134 5.72 18.52 23.79
N LEU A 135 6.54 18.60 22.76
CA LEU A 135 7.92 18.17 22.86
C LEU A 135 8.75 19.19 23.64
N GLN A 136 8.09 20.21 24.17
CA GLN A 136 8.78 21.24 24.95
C GLN A 136 9.92 21.85 24.15
N LEU A 137 9.69 22.03 22.86
CA LEU A 137 10.68 22.61 21.97
C LEU A 137 10.53 24.12 21.85
N ASN A 138 11.62 24.82 21.62
CA ASN A 138 11.55 26.26 21.37
C ASN A 138 10.93 26.49 20.00
N ILE A 139 9.83 27.22 19.97
CA ILE A 139 9.11 27.46 18.72
C ILE A 139 9.43 28.84 18.18
N VAL A 140 9.65 28.92 16.87
CA VAL A 140 9.61 30.19 16.19
C VAL A 140 8.71 30.01 14.98
N GLU A 141 7.73 30.90 14.83
CA GLU A 141 6.81 30.83 13.70
C GLU A 141 7.17 31.83 12.60
N MET A 142 7.39 31.33 11.39
CA MET A 142 7.56 32.20 10.23
C MET A 142 6.20 32.79 9.81
N LYS A 143 5.86 33.93 10.41
CA LYS A 143 4.57 34.59 10.15
C LYS A 143 4.67 35.69 9.08
N ASP A 144 5.88 36.21 8.85
CA ASP A 144 6.12 37.25 7.83
C ASP A 144 5.45 36.96 6.48
N GLU A 145 4.45 37.78 6.14
CA GLU A 145 3.57 37.56 4.97
C GLU A 145 4.25 37.61 3.59
N ASN A 146 5.54 37.91 3.56
CA ASN A 146 6.28 37.93 2.31
C ASN A 146 7.35 36.83 2.36
N ALA A 147 7.20 35.96 3.34
CA ALA A 147 8.19 34.93 3.59
C ALA A 147 7.61 33.53 3.35
N THR A 148 8.15 32.86 2.34
CA THR A 148 7.84 31.46 2.15
C THR A 148 9.09 30.60 2.35
N LEU A 149 8.86 29.39 2.83
CA LEU A 149 9.93 28.45 3.10
C LEU A 149 9.33 27.06 3.18
N ASP A 150 9.88 26.15 2.40
CA ASP A 150 9.62 24.73 2.54
C ASP A 150 10.80 24.09 3.25
N GLY A 151 10.53 23.15 4.15
CA GLY A 151 11.59 22.39 4.77
C GLY A 151 12.30 21.53 3.74
N GLY A 152 11.57 21.13 2.69
CA GLY A 152 12.15 20.39 1.59
C GLY A 152 13.34 21.12 0.97
N ASP A 153 13.39 22.43 1.14
CA ASP A 153 14.47 23.24 0.60
C ASP A 153 15.66 23.44 1.55
N VAL A 154 15.60 22.86 2.73
CA VAL A 154 16.65 23.09 3.70
C VAL A 154 17.56 21.87 3.92
N LEU A 155 18.81 22.00 3.52
CA LEU A 155 19.81 21.00 3.82
C LEU A 155 20.61 21.44 5.03
N PHE A 156 20.58 20.62 6.08
CA PHE A 156 21.37 20.89 7.27
C PHE A 156 22.50 19.88 7.38
N THR A 157 23.73 20.35 7.18
CA THR A 157 24.91 19.49 7.12
C THR A 157 25.44 19.08 8.48
N GLY A 158 24.97 19.73 9.53
CA GLY A 158 25.45 19.43 10.87
C GLY A 158 26.47 20.48 11.26
N ARG A 159 27.13 21.01 10.23
CA ARG A 159 28.08 22.12 10.36
C ARG A 159 27.44 23.45 9.96
N GLU A 160 26.38 23.39 9.14
CA GLU A 160 25.74 24.62 8.69
C GLU A 160 24.43 24.44 7.90
N PHE A 161 23.94 25.55 7.37
CA PHE A 161 22.69 25.53 6.63
C PHE A 161 22.83 25.89 5.17
N PHE A 162 22.25 25.05 4.35
CA PHE A 162 22.00 25.37 2.97
C PHE A 162 20.49 25.44 2.76
N VAL A 163 20.04 26.60 2.31
CA VAL A 163 18.64 26.79 1.92
C VAL A 163 18.62 26.99 0.43
N GLY A 164 17.69 26.36 -0.26
CA GLY A 164 17.56 26.54 -1.69
C GLY A 164 16.58 27.65 -2.00
N LEU A 165 16.95 28.54 -2.91
CA LEU A 165 15.98 29.51 -3.42
C LEU A 165 15.24 28.91 -4.61
N SER A 166 13.96 28.64 -4.38
CA SER A 166 13.17 27.81 -5.27
C SER A 166 11.84 28.46 -5.53
N LYS A 167 10.94 27.69 -6.14
CA LYS A 167 9.64 28.23 -6.49
C LYS A 167 8.82 28.38 -5.22
N ARG A 168 9.27 27.70 -4.17
CA ARG A 168 8.52 27.69 -2.92
C ARG A 168 9.23 28.36 -1.72
N THR A 169 10.56 28.45 -1.78
CA THR A 169 11.32 29.10 -0.71
C THR A 169 12.01 30.36 -1.22
N ASN A 170 11.85 31.46 -0.49
CA ASN A 170 12.41 32.76 -0.93
C ASN A 170 13.44 33.40 0.01
N GLN A 171 14.03 34.51 -0.44
CA GLN A 171 15.06 35.21 0.31
C GLN A 171 14.58 35.52 1.71
N ARG A 172 13.40 36.12 1.78
CA ARG A 172 12.81 36.57 3.03
C ARG A 172 12.57 35.43 4.02
N GLY A 173 12.50 34.20 3.49
CA GLY A 173 12.29 33.01 4.29
C GLY A 173 13.60 32.45 4.81
N ALA A 174 14.60 32.36 3.92
CA ALA A 174 15.90 31.89 4.37
C ALA A 174 16.52 32.86 5.38
N GLU A 175 16.27 34.15 5.20
CA GLU A 175 16.76 35.17 6.12
C GLU A 175 16.18 34.96 7.51
N ILE A 176 14.91 34.56 7.55
CA ILE A 176 14.22 34.29 8.80
C ILE A 176 14.69 32.95 9.34
N LEU A 177 15.01 32.02 8.44
CA LEU A 177 15.58 30.76 8.89
C LEU A 177 16.95 31.04 9.46
N ALA A 178 17.70 31.86 8.72
CA ALA A 178 19.00 32.34 9.17
C ALA A 178 18.87 33.01 10.52
N ASP A 179 17.84 33.82 10.68
CA ASP A 179 17.70 34.57 11.92
C ASP A 179 17.31 33.71 13.12
N THR A 180 16.68 32.58 12.84
CA THR A 180 16.22 31.68 13.90
C THR A 180 17.33 30.79 14.45
N PHE A 181 18.25 30.40 13.57
CA PHE A 181 19.35 29.54 13.98
C PHE A 181 20.67 30.30 13.90
N LYS A 182 20.96 31.07 14.95
CA LYS A 182 22.06 32.03 14.96
C LYS A 182 23.46 31.40 15.08
N ASP A 183 23.55 30.29 15.80
CA ASP A 183 24.82 29.60 15.99
C ASP A 183 25.34 28.98 14.69
N TYR A 184 24.55 29.05 13.63
CA TYR A 184 24.93 28.41 12.36
C TYR A 184 24.92 29.34 11.15
N ALA A 185 25.89 29.10 10.26
CA ALA A 185 25.99 29.83 9.01
C ALA A 185 24.92 29.34 8.04
N VAL A 186 24.25 30.27 7.36
CA VAL A 186 23.23 29.94 6.36
C VAL A 186 23.55 30.54 4.99
N SER A 187 23.51 29.73 3.94
CA SER A 187 23.71 30.25 2.59
C SER A 187 22.65 29.68 1.63
N THR A 188 22.36 30.43 0.57
CA THR A 188 21.26 30.13 -0.33
C THR A 188 21.71 29.63 -1.70
N VAL A 189 21.09 28.56 -2.18
CA VAL A 189 21.46 27.97 -3.47
C VAL A 189 20.27 27.92 -4.45
N PRO A 190 20.36 28.72 -5.53
CA PRO A 190 19.31 28.77 -6.54
C PRO A 190 18.92 27.39 -7.05
N VAL A 191 17.73 26.95 -6.68
CA VAL A 191 17.16 25.70 -7.14
C VAL A 191 16.05 26.06 -8.11
N ALA A 192 16.15 25.55 -9.32
CA ALA A 192 15.18 25.91 -10.35
C ALA A 192 14.31 24.71 -10.72
N ASP A 193 13.53 24.87 -11.78
CA ASP A 193 12.83 23.74 -12.40
C ASP A 193 11.69 23.21 -11.55
N GLY A 194 11.08 24.08 -10.76
CA GLY A 194 9.97 23.68 -9.91
C GLY A 194 10.30 22.44 -9.08
N LEU A 195 11.44 22.49 -8.40
CA LEU A 195 11.86 21.41 -7.53
C LEU A 195 12.16 21.92 -6.13
N HIS A 196 12.90 21.13 -5.37
CA HIS A 196 13.44 21.61 -4.12
C HIS A 196 14.91 21.28 -4.06
N LEU A 197 15.59 21.90 -3.11
CA LEU A 197 16.98 21.62 -2.89
C LEU A 197 17.18 20.11 -2.66
N LYS A 198 16.38 19.54 -1.77
CA LYS A 198 16.61 18.16 -1.38
C LYS A 198 16.01 17.13 -2.34
N SER A 199 15.71 17.55 -3.56
CA SER A 199 15.21 16.64 -4.57
C SER A 199 16.38 15.89 -5.21
N PHE A 200 17.58 16.45 -5.06
CA PHE A 200 18.77 15.86 -5.66
C PHE A 200 19.92 15.66 -4.67
N CYS A 201 19.68 15.97 -3.40
CA CYS A 201 20.69 15.74 -2.37
C CYS A 201 20.13 15.56 -0.96
N SER A 202 20.99 15.07 -0.07
CA SER A 202 20.72 15.00 1.36
C SER A 202 21.96 14.42 2.07
N MET A 203 22.03 14.58 3.37
CA MET A 203 23.18 14.06 4.09
C MET A 203 23.09 12.54 4.21
N ALA A 204 24.18 11.85 3.87
CA ALA A 204 24.27 10.38 4.01
C ALA A 204 25.34 9.98 5.02
N GLY A 205 25.66 10.88 5.94
CA GLY A 205 26.69 10.65 6.94
C GLY A 205 27.39 11.95 7.25
N PRO A 206 28.21 11.98 8.31
CA PRO A 206 28.97 13.18 8.67
C PRO A 206 29.91 13.63 7.55
N ASN A 207 29.82 14.89 7.16
CA ASN A 207 30.65 15.41 6.06
C ASN A 207 30.30 14.79 4.70
N LEU A 208 29.43 13.80 4.70
CA LEU A 208 29.03 13.11 3.47
C LEU A 208 27.72 13.65 2.93
N ILE A 209 27.74 14.14 1.70
CA ILE A 209 26.52 14.65 1.10
C ILE A 209 26.11 13.81 -0.09
N ALA A 210 24.95 13.18 -0.01
CA ALA A 210 24.44 12.39 -1.11
C ALA A 210 24.07 13.34 -2.23
N ILE A 211 24.40 12.98 -3.46
CA ILE A 211 24.24 13.92 -4.57
C ILE A 211 23.91 13.24 -5.90
N GLY A 212 23.00 13.86 -6.65
CA GLY A 212 22.66 13.39 -7.98
C GLY A 212 23.71 13.70 -9.05
N SER A 213 23.70 12.94 -10.13
CA SER A 213 24.62 13.15 -11.25
C SER A 213 24.18 14.29 -12.19
N SER A 214 22.87 14.52 -12.29
CA SER A 214 22.34 15.55 -13.18
C SER A 214 23.10 16.87 -13.05
N GLU A 215 23.21 17.59 -14.16
CA GLU A 215 23.92 18.87 -14.21
C GLU A 215 23.30 19.93 -13.31
N SER A 216 21.96 19.88 -13.17
CA SER A 216 21.28 20.71 -12.19
C SER A 216 21.92 20.59 -10.80
N ALA A 217 22.07 19.34 -10.34
CA ALA A 217 22.53 19.04 -8.98
C ALA A 217 24.01 19.36 -8.82
N GLN A 218 24.82 18.78 -9.69
CA GLN A 218 26.23 19.10 -9.75
C GLN A 218 26.49 20.60 -9.70
N LYS A 219 25.62 21.38 -10.36
CA LYS A 219 25.77 22.83 -10.34
C LYS A 219 25.58 23.38 -8.93
N ALA A 220 24.47 23.04 -8.30
CA ALA A 220 24.20 23.49 -6.93
C ALA A 220 25.29 22.94 -6.02
N LEU A 221 25.64 21.68 -6.23
CA LEU A 221 26.69 21.05 -5.47
C LEU A 221 27.90 21.97 -5.36
N LYS A 222 28.49 22.31 -6.51
CA LYS A 222 29.68 23.14 -6.51
C LYS A 222 29.37 24.50 -5.91
N ILE A 223 28.27 25.10 -6.36
CA ILE A 223 27.80 26.36 -5.82
C ILE A 223 27.87 26.31 -4.30
N MET A 224 27.53 25.16 -3.74
CA MET A 224 27.50 25.00 -2.29
C MET A 224 28.89 25.00 -1.66
N GLN A 225 29.82 24.30 -2.30
CA GLN A 225 31.17 24.15 -1.74
C GLN A 225 31.93 25.48 -1.70
N GLN A 226 31.83 26.25 -2.78
CA GLN A 226 32.47 27.57 -2.83
C GLN A 226 32.18 28.31 -1.54
N MET A 227 30.97 28.11 -1.02
CA MET A 227 30.44 28.92 0.07
C MET A 227 30.76 28.40 1.46
N SER A 228 31.33 27.20 1.55
CA SER A 228 31.64 26.62 2.85
C SER A 228 33.06 26.91 3.33
N ASP A 229 33.23 27.01 4.64
CA ASP A 229 34.55 27.14 5.26
C ASP A 229 35.25 25.79 5.33
N HIS A 230 34.65 24.79 4.69
CA HIS A 230 35.18 23.43 4.71
C HIS A 230 34.65 22.57 3.57
N ARG A 231 35.43 21.55 3.23
CA ARG A 231 35.11 20.69 2.11
C ARG A 231 34.29 19.51 2.59
N TYR A 232 33.23 19.22 1.86
CA TYR A 232 32.39 18.08 2.15
C TYR A 232 32.78 16.94 1.26
N ASP A 233 32.66 15.73 1.78
CA ASP A 233 32.79 14.55 0.96
C ASP A 233 31.47 14.38 0.22
N LYS A 234 31.49 13.68 -0.90
CA LYS A 234 30.26 13.57 -1.67
C LYS A 234 29.97 12.15 -2.09
N LEU A 235 28.73 11.75 -1.85
CA LEU A 235 28.26 10.47 -2.34
C LEU A 235 27.45 10.75 -3.60
N THR A 236 27.95 10.31 -4.74
CA THR A 236 27.28 10.57 -6.00
C THR A 236 26.41 9.38 -6.40
N VAL A 237 25.22 9.65 -6.89
CA VAL A 237 24.38 8.57 -7.39
C VAL A 237 23.75 8.94 -8.71
N PRO A 238 23.56 7.94 -9.57
CA PRO A 238 23.03 8.10 -10.94
C PRO A 238 21.64 8.76 -11.03
N ASP A 239 20.77 8.57 -10.02
CA ASP A 239 19.40 9.09 -10.09
C ASP A 239 19.20 10.21 -9.08
N ASP A 240 18.96 11.42 -9.58
CA ASP A 240 18.76 12.61 -8.75
C ASP A 240 17.87 12.35 -7.54
N ILE A 241 16.71 11.73 -7.79
CA ILE A 241 15.72 11.44 -6.75
C ILE A 241 16.30 10.55 -5.64
N ALA A 242 17.10 9.57 -6.02
CA ALA A 242 17.63 8.62 -5.06
C ALA A 242 18.78 9.17 -4.16
N ALA A 243 19.13 10.44 -4.33
CA ALA A 243 20.12 11.10 -3.48
C ALA A 243 19.40 11.69 -2.29
N ASN A 244 18.09 11.59 -2.32
CA ASN A 244 17.30 11.90 -1.13
C ASN A 244 17.16 10.67 -0.27
N CYS A 245 17.83 10.66 0.88
CA CYS A 245 17.82 9.55 1.82
C CYS A 245 17.83 10.02 3.27
N ILE A 246 17.68 9.10 4.21
CA ILE A 246 17.75 9.47 5.61
C ILE A 246 18.94 8.86 6.33
N TYR A 247 19.85 9.71 6.79
CA TYR A 247 20.96 9.26 7.61
C TYR A 247 20.62 9.49 9.07
N LEU A 248 21.07 8.57 9.91
CA LEU A 248 20.73 8.60 11.32
C LEU A 248 21.90 8.04 12.07
N ASN A 249 22.10 8.54 13.29
CA ASN A 249 23.07 7.98 14.20
C ASN A 249 22.32 7.41 15.40
N ILE A 250 22.10 6.09 15.34
CA ILE A 250 21.34 5.39 16.34
C ILE A 250 22.26 4.83 17.40
N PRO A 251 21.84 4.95 18.67
CA PRO A 251 22.55 4.41 19.84
C PRO A 251 22.78 2.90 19.76
N ASN A 252 24.03 2.51 19.89
CA ASN A 252 24.43 1.11 19.82
C ASN A 252 24.00 0.46 18.51
N LYS A 253 23.87 1.29 17.48
CA LYS A 253 23.68 0.82 16.10
C LYS A 253 24.69 1.48 15.13
N GLY A 254 24.90 2.78 15.29
CA GLY A 254 25.90 3.50 14.52
C GLY A 254 25.34 4.31 13.36
N HIS A 255 25.98 4.16 12.20
CA HIS A 255 25.49 4.77 10.97
C HIS A 255 24.28 4.02 10.45
N VAL A 256 23.20 4.77 10.20
CA VAL A 256 21.99 4.21 9.63
C VAL A 256 21.51 5.09 8.49
N LEU A 257 21.17 4.44 7.39
CA LEU A 257 20.68 5.12 6.19
C LEU A 257 19.44 4.41 5.66
N LEU A 258 18.32 5.11 5.62
CA LEU A 258 17.18 4.60 4.87
C LEU A 258 17.33 5.20 3.48
N HIS A 259 17.19 4.34 2.47
CA HIS A 259 17.42 4.73 1.09
C HIS A 259 16.44 4.00 0.16
N ARG A 260 16.29 4.50 -1.06
CA ARG A 260 15.35 3.90 -2.01
C ARG A 260 15.80 2.50 -2.47
N THR A 261 14.83 1.69 -2.86
CA THR A 261 15.12 0.28 -3.12
C THR A 261 15.85 0.04 -4.43
N PRO A 262 16.54 -1.10 -4.52
CA PRO A 262 17.14 -1.58 -5.76
C PRO A 262 16.08 -1.74 -6.86
N GLU A 263 14.81 -1.89 -6.46
CA GLU A 263 13.73 -1.98 -7.44
C GLU A 263 13.57 -0.62 -8.09
N GLU A 264 13.18 0.38 -7.30
CA GLU A 264 12.98 1.74 -7.83
C GLU A 264 14.20 2.32 -8.52
N TYR A 265 15.37 2.13 -7.93
CA TYR A 265 16.58 2.78 -8.41
C TYR A 265 17.80 1.93 -8.13
N PRO A 266 18.00 0.87 -8.94
CA PRO A 266 19.01 -0.18 -8.85
C PRO A 266 20.47 0.30 -8.95
N GLU A 267 20.76 1.29 -9.79
CA GLU A 267 22.13 1.73 -9.98
C GLU A 267 22.56 2.67 -8.86
N SER A 268 21.57 3.26 -8.18
CA SER A 268 21.81 4.14 -7.02
C SER A 268 21.90 3.30 -5.77
N ALA A 269 21.16 2.19 -5.75
CA ALA A 269 21.19 1.27 -4.63
C ALA A 269 22.56 0.63 -4.53
N LYS A 270 23.12 0.39 -5.70
CA LYS A 270 24.46 -0.18 -5.83
C LYS A 270 25.52 0.73 -5.22
N VAL A 271 25.30 2.03 -5.30
CA VAL A 271 26.24 3.01 -4.73
C VAL A 271 26.14 3.05 -3.20
N TYR A 272 24.92 2.99 -2.69
CA TYR A 272 24.70 2.95 -1.25
C TYR A 272 25.27 1.67 -0.68
N GLU A 273 25.24 0.61 -1.50
CA GLU A 273 25.67 -0.72 -1.06
C GLU A 273 27.13 -0.78 -0.67
N LYS A 274 27.92 0.20 -1.14
CA LYS A 274 29.34 0.28 -0.82
C LYS A 274 29.58 0.90 0.56
N LEU A 275 28.55 1.56 1.10
CA LEU A 275 28.64 2.06 2.48
C LEU A 275 28.60 0.86 3.44
N LYS A 276 29.77 0.30 3.77
CA LYS A 276 29.81 -0.91 4.60
C LYS A 276 29.90 -0.61 6.11
N ASP A 277 29.89 0.67 6.48
CA ASP A 277 29.82 1.06 7.89
C ASP A 277 28.40 1.47 8.25
N HIS A 278 27.52 1.41 7.26
CA HIS A 278 26.14 1.82 7.44
C HIS A 278 25.21 0.62 7.51
N MET A 279 24.30 0.63 8.47
CA MET A 279 23.18 -0.29 8.47
C MET A 279 22.20 0.18 7.40
N LEU A 280 22.21 -0.49 6.25
CA LEU A 280 21.40 -0.09 5.11
C LEU A 280 20.00 -0.70 5.13
N ILE A 281 18.99 0.16 5.18
CA ILE A 281 17.58 -0.22 5.15
C ILE A 281 16.84 0.33 3.91
N PRO A 282 16.64 -0.50 2.88
CA PRO A 282 15.91 -0.03 1.69
C PRO A 282 14.47 0.31 2.03
N VAL A 283 14.06 1.52 1.68
CA VAL A 283 12.69 1.97 1.97
C VAL A 283 11.99 2.46 0.70
N SER A 284 11.02 1.70 0.24
CA SER A 284 10.28 2.05 -0.97
C SER A 284 9.43 3.30 -0.77
N MET A 285 9.23 4.04 -1.84
CA MET A 285 8.50 5.30 -1.77
C MET A 285 7.92 5.66 -3.17
N SER A 286 7.66 4.64 -3.99
CA SER A 286 7.21 4.85 -5.40
C SER A 286 5.90 5.63 -5.56
N GLU A 287 4.84 5.22 -4.87
CA GLU A 287 3.58 5.95 -4.89
C GLU A 287 3.73 7.46 -4.60
N LEU A 288 4.28 7.81 -3.44
CA LEU A 288 4.37 9.22 -3.02
C LEU A 288 5.22 10.08 -3.96
N GLU A 289 6.26 9.48 -4.52
CA GLU A 289 7.07 10.13 -5.53
C GLU A 289 6.22 10.68 -6.67
N LYS A 290 5.19 9.93 -7.05
CA LYS A 290 4.26 10.43 -8.07
C LYS A 290 3.84 11.87 -7.77
N VAL A 291 3.59 12.16 -6.49
CA VAL A 291 3.27 13.52 -6.05
C VAL A 291 4.46 14.24 -5.41
N ASP A 292 5.68 13.89 -5.87
CA ASP A 292 6.92 14.57 -5.46
C ASP A 292 7.30 14.36 -4.01
N GLY A 293 6.94 13.22 -3.46
CA GLY A 293 7.28 12.88 -2.09
C GLY A 293 8.50 11.98 -2.06
N LEU A 294 9.51 12.43 -1.33
CA LEU A 294 10.76 11.71 -1.21
C LEU A 294 10.83 11.19 0.20
N LEU A 295 11.98 10.64 0.57
CA LEU A 295 12.16 10.03 1.89
C LEU A 295 12.15 11.05 3.02
N THR A 296 12.94 12.12 2.90
CA THR A 296 13.00 13.14 3.96
C THR A 296 11.66 13.85 4.26
N CYS A 297 10.79 13.96 3.27
CA CYS A 297 9.58 14.77 3.43
C CYS A 297 8.62 14.20 4.45
N CYS A 298 8.70 12.90 4.68
CA CYS A 298 7.67 12.23 5.44
C CYS A 298 7.98 12.14 6.93
N SER A 299 8.97 12.89 7.36
CA SER A 299 9.25 13.01 8.79
C SER A 299 10.01 14.27 9.18
N VAL A 300 9.85 14.64 10.44
CA VAL A 300 10.68 15.65 11.07
C VAL A 300 11.39 14.96 12.21
N LEU A 301 12.72 15.07 12.22
CA LEU A 301 13.55 14.33 13.20
C LEU A 301 13.98 15.20 14.37
N ILE A 302 14.01 14.63 15.57
CA ILE A 302 14.21 15.44 16.77
C ILE A 302 15.15 14.79 17.83
N ASN A 303 16.27 15.45 18.10
CA ASN A 303 17.20 14.98 19.13
C ASN A 303 16.91 15.58 20.50
N LYS A 304 16.58 14.73 21.45
CA LYS A 304 16.17 15.19 22.75
C LYS A 304 17.05 14.60 23.85
N LYS A 305 17.37 15.41 24.86
CA LYS A 305 18.32 15.06 25.92
C LYS A 305 17.99 13.79 26.74
N ALA B 32 -23.49 -30.21 -13.02
CA ALA B 32 -23.99 -29.72 -11.73
C ALA B 32 -23.51 -28.30 -11.38
N PHE B 33 -24.16 -27.66 -10.41
CA PHE B 33 -23.63 -26.41 -9.85
C PHE B 33 -22.39 -26.74 -9.03
N GLY B 34 -21.35 -25.92 -9.19
CA GLY B 34 -20.09 -26.14 -8.48
C GLY B 34 -19.20 -27.18 -9.14
N ARG B 35 -19.51 -27.53 -10.38
CA ARG B 35 -18.69 -28.49 -11.09
C ARG B 35 -17.50 -27.78 -11.74
N ALA B 36 -16.29 -28.26 -11.47
CA ALA B 36 -15.09 -27.72 -12.09
C ALA B 36 -14.10 -28.83 -12.50
N THR B 37 -13.13 -28.48 -13.33
CA THR B 37 -12.17 -29.45 -13.83
C THR B 37 -10.75 -28.88 -13.74
N HIS B 38 -10.67 -27.60 -13.39
CA HIS B 38 -9.44 -26.85 -13.49
C HIS B 38 -9.40 -25.77 -12.43
N ALA B 39 -8.28 -25.65 -11.73
CA ALA B 39 -8.15 -24.54 -10.79
C ALA B 39 -6.92 -23.71 -11.09
N VAL B 40 -7.12 -22.41 -11.22
CA VAL B 40 -6.00 -21.50 -11.46
C VAL B 40 -5.60 -20.80 -10.17
N VAL B 41 -4.34 -21.00 -9.78
CA VAL B 41 -3.77 -20.43 -8.57
C VAL B 41 -2.44 -19.75 -8.91
N ARG B 42 -1.81 -19.12 -7.93
CA ARG B 42 -0.52 -18.49 -8.17
C ARG B 42 0.28 -18.37 -6.88
N ALA B 43 1.56 -18.73 -6.94
CA ALA B 43 2.39 -18.79 -5.76
C ALA B 43 2.42 -17.44 -5.04
N LEU B 44 2.63 -17.45 -3.73
CA LEU B 44 2.79 -16.18 -3.03
C LEU B 44 4.25 -15.70 -3.13
N PRO B 45 4.44 -14.38 -3.18
CA PRO B 45 5.81 -13.86 -3.16
C PRO B 45 6.22 -13.53 -1.73
N GLU B 46 7.53 -13.56 -1.46
CA GLU B 46 8.05 -13.21 -0.13
C GLU B 46 7.76 -11.73 0.16
N SER B 47 7.38 -11.00 -0.90
CA SER B 47 7.00 -9.60 -0.79
C SER B 47 5.69 -9.48 -0.02
N LEU B 48 4.96 -10.58 0.08
CA LEU B 48 3.62 -10.51 0.60
C LEU B 48 3.64 -10.16 2.08
N GLY B 49 4.58 -10.75 2.80
CA GLY B 49 4.72 -10.52 4.23
C GLY B 49 4.75 -9.05 4.59
N GLN B 50 5.63 -8.29 3.95
CA GLN B 50 5.76 -6.87 4.28
C GLN B 50 5.06 -5.93 3.30
N HIS B 51 4.62 -6.43 2.15
CA HIS B 51 4.23 -5.50 1.08
C HIS B 51 2.79 -5.64 0.54
N ALA B 52 2.13 -6.74 0.90
CA ALA B 52 0.73 -6.95 0.56
C ALA B 52 -0.11 -5.90 1.25
N LEU B 53 -1.10 -5.36 0.54
CA LEU B 53 -2.07 -4.43 1.12
C LEU B 53 -2.97 -5.15 2.15
N ARG B 54 -3.40 -4.44 3.19
CA ARG B 54 -4.09 -5.09 4.31
C ARG B 54 -5.08 -4.19 5.10
N SER B 55 -4.74 -3.90 6.37
CA SER B 55 -5.57 -3.13 7.30
C SER B 55 -5.56 -3.73 8.72
N GLY B 58 -2.74 -4.70 12.28
CA GLY B 58 -2.65 -6.14 12.14
C GLY B 58 -1.36 -6.79 12.65
N GLU B 59 -1.35 -8.11 12.74
CA GLU B 59 -0.18 -8.87 13.22
C GLU B 59 0.87 -9.07 12.13
N GLU B 60 2.01 -9.64 12.51
CA GLU B 60 3.10 -9.96 11.59
C GLU B 60 2.85 -11.25 10.81
N VAL B 61 2.97 -11.16 9.49
CA VAL B 61 2.81 -12.32 8.62
C VAL B 61 4.01 -13.24 8.67
N ASP B 62 3.79 -14.50 9.06
CA ASP B 62 4.81 -15.54 8.93
C ASP B 62 4.68 -16.09 7.51
N VAL B 63 5.72 -15.89 6.71
CA VAL B 63 5.62 -16.23 5.29
C VAL B 63 5.81 -17.71 5.02
N ALA B 64 6.52 -18.37 5.92
CA ALA B 64 6.69 -19.81 5.84
C ALA B 64 5.35 -20.47 6.12
N ARG B 65 4.71 -20.04 7.20
CA ARG B 65 3.45 -20.62 7.62
C ARG B 65 2.41 -20.42 6.54
N ALA B 66 2.56 -19.33 5.80
CA ALA B 66 1.64 -19.02 4.72
C ALA B 66 2.05 -19.80 3.47
N GLU B 67 3.34 -20.01 3.30
CA GLU B 67 3.81 -20.88 2.24
C GLU B 67 3.13 -22.24 2.41
N ARG B 68 3.29 -22.83 3.59
CA ARG B 68 2.76 -24.16 3.83
C ARG B 68 1.26 -24.18 3.61
N GLN B 69 0.60 -23.15 4.12
CA GLN B 69 -0.85 -23.08 4.00
C GLN B 69 -1.29 -22.99 2.54
N HIS B 70 -0.58 -22.21 1.72
CA HIS B 70 -0.91 -22.13 0.31
C HIS B 70 -0.71 -23.46 -0.44
N GLN B 71 0.34 -24.19 -0.06
CA GLN B 71 0.63 -25.49 -0.65
C GLN B 71 -0.44 -26.50 -0.29
N LEU B 72 -0.88 -26.46 0.96
CA LEU B 72 -1.91 -27.38 1.42
C LEU B 72 -3.20 -27.11 0.66
N TYR B 73 -3.61 -25.84 0.63
CA TYR B 73 -4.78 -25.41 -0.14
C TYR B 73 -4.75 -25.88 -1.61
N VAL B 74 -3.59 -25.75 -2.25
CA VAL B 74 -3.49 -26.17 -3.65
C VAL B 74 -3.62 -27.68 -3.76
N GLY B 75 -3.16 -28.38 -2.73
CA GLY B 75 -3.16 -29.84 -2.70
C GLY B 75 -4.55 -30.43 -2.59
N VAL B 76 -5.45 -29.68 -1.98
CA VAL B 76 -6.81 -30.16 -1.82
C VAL B 76 -7.51 -30.17 -3.18
N LEU B 77 -7.35 -29.08 -3.92
CA LEU B 77 -7.95 -28.95 -5.24
C LEU B 77 -7.34 -29.93 -6.23
N GLY B 78 -6.02 -30.15 -6.14
CA GLY B 78 -5.32 -30.97 -7.11
C GLY B 78 -5.21 -32.42 -6.70
N SER B 79 -4.45 -32.66 -5.64
CA SER B 79 -4.27 -34.01 -5.11
C SER B 79 -5.60 -34.62 -4.69
N LYS B 80 -6.25 -33.99 -3.71
CA LYS B 80 -7.44 -34.56 -3.07
C LYS B 80 -8.69 -34.63 -3.92
N LEU B 81 -8.88 -33.64 -4.79
CA LEU B 81 -10.14 -33.47 -5.52
C LEU B 81 -10.06 -33.74 -7.02
N GLY B 82 -8.86 -33.75 -7.58
CA GLY B 82 -8.68 -34.16 -8.96
C GLY B 82 -8.57 -33.01 -9.94
N LEU B 83 -8.75 -31.79 -9.46
CA LEU B 83 -8.69 -30.64 -10.34
C LEU B 83 -7.33 -30.50 -11.00
N GLN B 84 -7.35 -30.11 -12.27
CA GLN B 84 -6.13 -29.79 -12.99
C GLN B 84 -5.65 -28.44 -12.48
N VAL B 85 -4.51 -28.46 -11.82
CA VAL B 85 -4.02 -27.25 -11.20
C VAL B 85 -3.03 -26.54 -12.13
N VAL B 86 -3.23 -25.24 -12.32
CA VAL B 86 -2.28 -24.44 -13.04
C VAL B 86 -1.67 -23.44 -12.07
N GLU B 87 -0.39 -23.63 -11.77
CA GLU B 87 0.30 -22.70 -10.90
C GLU B 87 0.98 -21.64 -11.73
N LEU B 88 0.67 -20.37 -11.45
CA LEU B 88 1.42 -19.30 -12.07
C LEU B 88 2.57 -18.95 -11.14
N PRO B 89 3.71 -18.55 -11.72
CA PRO B 89 4.89 -18.19 -10.91
C PRO B 89 4.55 -17.07 -9.94
N ALA B 90 5.26 -17.02 -8.82
CA ALA B 90 5.17 -15.86 -7.95
C ALA B 90 5.78 -14.65 -8.69
N ASP B 91 5.38 -13.46 -8.28
CA ASP B 91 5.97 -12.25 -8.85
C ASP B 91 6.29 -11.33 -7.68
N GLU B 92 7.54 -11.30 -7.26
CA GLU B 92 7.92 -10.54 -6.07
C GLU B 92 7.52 -9.08 -6.26
N SER B 93 7.55 -8.63 -7.51
CA SER B 93 7.07 -7.30 -7.89
C SER B 93 5.58 -7.06 -7.56
N LEU B 94 4.82 -8.14 -7.39
CA LEU B 94 3.38 -8.07 -7.09
C LEU B 94 3.02 -8.88 -5.85
N PRO B 95 3.09 -8.26 -4.66
CA PRO B 95 2.90 -8.99 -3.40
C PRO B 95 1.53 -9.66 -3.26
N ASP B 96 0.54 -9.22 -4.05
CA ASP B 96 -0.80 -9.74 -3.92
C ASP B 96 -1.19 -10.67 -5.06
N CYS B 97 -0.24 -11.05 -5.89
CA CYS B 97 -0.51 -11.94 -7.02
C CYS B 97 -1.12 -13.31 -6.62
N VAL B 98 -0.96 -13.70 -5.35
CA VAL B 98 -1.54 -14.95 -4.84
C VAL B 98 -3.08 -14.92 -4.75
N PHE B 99 -3.65 -13.73 -4.82
CA PHE B 99 -5.09 -13.57 -4.79
C PHE B 99 -5.66 -13.43 -6.19
N VAL B 100 -5.56 -14.53 -6.94
CA VAL B 100 -5.93 -14.61 -8.35
C VAL B 100 -7.40 -14.43 -8.61
N GLU B 101 -8.25 -14.74 -7.63
CA GLU B 101 -9.67 -14.55 -7.83
C GLU B 101 -9.96 -13.11 -8.24
N ASP B 102 -9.50 -12.16 -7.43
CA ASP B 102 -9.73 -10.73 -7.65
C ASP B 102 -9.55 -10.30 -9.09
N VAL B 103 -8.66 -10.97 -9.81
CA VAL B 103 -8.28 -10.53 -11.16
C VAL B 103 -9.08 -11.18 -12.30
N ALA B 104 -9.96 -12.11 -11.98
CA ALA B 104 -10.71 -12.78 -13.05
C ALA B 104 -12.01 -13.45 -12.58
N VAL B 105 -13.07 -13.28 -13.37
CA VAL B 105 -14.32 -13.98 -13.15
C VAL B 105 -14.62 -14.88 -14.33
N VAL B 106 -14.93 -16.15 -14.04
CA VAL B 106 -15.08 -17.15 -15.10
C VAL B 106 -16.37 -17.95 -15.00
N CYS B 107 -17.39 -17.48 -15.69
CA CYS B 107 -18.63 -18.21 -15.79
C CYS B 107 -18.60 -19.10 -17.02
N GLU B 108 -18.69 -20.41 -16.81
CA GLU B 108 -18.77 -21.35 -17.92
C GLU B 108 -17.51 -21.34 -18.78
N GLU B 109 -17.67 -21.10 -20.07
CA GLU B 109 -16.52 -20.98 -20.97
C GLU B 109 -16.16 -19.52 -21.20
N THR B 110 -16.83 -18.63 -20.48
CA THR B 110 -16.61 -17.20 -20.63
C THR B 110 -15.75 -16.63 -19.50
N ALA B 111 -14.54 -16.19 -19.85
CA ALA B 111 -13.62 -15.64 -18.86
C ALA B 111 -13.57 -14.10 -18.89
N LEU B 112 -13.90 -13.46 -17.78
CA LEU B 112 -13.83 -12.00 -17.77
C LEU B 112 -12.66 -11.49 -16.95
N ILE B 113 -11.61 -11.05 -17.64
CA ILE B 113 -10.43 -10.47 -17.03
C ILE B 113 -10.77 -9.10 -16.48
N THR B 114 -10.54 -8.88 -15.19
CA THR B 114 -11.00 -7.64 -14.57
C THR B 114 -9.96 -6.53 -14.60
N ARG B 115 -10.37 -5.38 -14.08
CA ARG B 115 -9.51 -4.23 -13.87
C ARG B 115 -9.67 -3.88 -12.40
N PRO B 116 -8.85 -4.54 -11.55
CA PRO B 116 -8.93 -4.49 -10.09
C PRO B 116 -8.85 -3.08 -9.55
N GLY B 117 -9.52 -2.84 -8.42
CA GLY B 117 -9.58 -1.54 -7.81
C GLY B 117 -8.22 -0.94 -7.50
N ALA B 118 -7.33 -1.75 -6.92
CA ALA B 118 -6.01 -1.28 -6.55
C ALA B 118 -5.15 -1.21 -7.78
N PRO B 119 -4.79 0.02 -8.17
CA PRO B 119 -4.05 0.31 -9.41
C PRO B 119 -2.77 -0.51 -9.54
N SER B 120 -2.08 -0.77 -8.44
CA SER B 120 -0.84 -1.54 -8.55
C SER B 120 -1.01 -3.05 -8.89
N ARG B 121 -2.23 -3.58 -8.71
CA ARG B 121 -2.47 -5.02 -8.94
C ARG B 121 -2.85 -5.32 -10.40
N ARG B 122 -3.14 -4.27 -11.16
CA ARG B 122 -3.58 -4.41 -12.55
C ARG B 122 -2.55 -5.12 -13.45
N LYS B 123 -1.27 -5.05 -13.08
CA LYS B 123 -0.23 -5.70 -13.85
C LYS B 123 -0.15 -7.17 -13.47
N GLU B 124 -1.07 -7.61 -12.63
CA GLU B 124 -1.22 -9.01 -12.31
C GLU B 124 -1.98 -9.69 -13.42
N VAL B 125 -3.02 -9.04 -13.92
CA VAL B 125 -4.02 -9.69 -14.76
C VAL B 125 -3.42 -10.22 -16.06
N ASP B 126 -2.40 -9.53 -16.53
CA ASP B 126 -1.68 -9.96 -17.72
C ASP B 126 -1.37 -11.45 -17.67
N MET B 127 -0.71 -11.88 -16.61
CA MET B 127 -0.33 -13.28 -16.45
C MET B 127 -1.54 -14.20 -16.48
N MET B 128 -2.61 -13.77 -15.83
CA MET B 128 -3.84 -14.56 -15.72
C MET B 128 -4.57 -14.73 -17.03
N LYS B 129 -4.52 -13.70 -17.88
CA LYS B 129 -5.16 -13.77 -19.18
C LYS B 129 -4.54 -14.89 -20.02
N GLU B 130 -3.22 -14.86 -20.16
CA GLU B 130 -2.50 -15.91 -20.86
C GLU B 130 -3.04 -17.30 -20.53
N ALA B 131 -3.02 -17.64 -19.24
CA ALA B 131 -3.37 -18.97 -18.81
C ALA B 131 -4.86 -19.33 -18.97
N LEU B 132 -5.71 -18.32 -19.09
CA LEU B 132 -7.12 -18.59 -19.36
C LEU B 132 -7.22 -18.93 -20.83
N GLU B 133 -6.32 -18.33 -21.61
CA GLU B 133 -6.25 -18.51 -23.05
C GLU B 133 -5.75 -19.89 -23.44
N LYS B 134 -4.82 -20.45 -22.67
CA LYS B 134 -4.32 -21.81 -22.94
C LYS B 134 -5.42 -22.82 -22.65
N LEU B 135 -6.50 -22.34 -22.03
CA LEU B 135 -7.61 -23.21 -21.70
C LEU B 135 -8.72 -23.05 -22.71
N GLN B 136 -8.47 -22.17 -23.69
CA GLN B 136 -9.36 -22.01 -24.83
C GLN B 136 -10.72 -21.47 -24.41
N LEU B 137 -10.69 -20.56 -23.44
CA LEU B 137 -11.89 -19.89 -22.99
C LEU B 137 -12.15 -18.61 -23.77
N ASN B 138 -13.40 -18.20 -23.87
CA ASN B 138 -13.71 -16.88 -24.40
C ASN B 138 -13.21 -15.80 -23.41
N ILE B 139 -12.35 -14.91 -23.89
CA ILE B 139 -11.77 -13.85 -23.06
C ILE B 139 -12.46 -12.50 -23.26
N VAL B 140 -12.85 -11.86 -22.17
CA VAL B 140 -13.27 -10.47 -22.26
C VAL B 140 -12.43 -9.65 -21.28
N GLU B 141 -11.64 -8.73 -21.82
CA GLU B 141 -10.81 -7.84 -21.01
C GLU B 141 -11.61 -6.61 -20.57
N MET B 142 -11.52 -6.27 -19.29
CA MET B 142 -12.11 -5.03 -18.83
C MET B 142 -11.07 -3.92 -19.00
N LYS B 143 -11.25 -3.11 -20.04
CA LYS B 143 -10.27 -2.08 -20.41
C LYS B 143 -10.71 -0.67 -20.01
N ASP B 144 -12.01 -0.51 -19.76
CA ASP B 144 -12.59 0.80 -19.43
C ASP B 144 -11.86 1.48 -18.27
N GLU B 145 -11.27 2.64 -18.56
CA GLU B 145 -10.48 3.40 -17.60
C GLU B 145 -11.28 3.91 -16.39
N ASN B 146 -12.60 3.77 -16.43
CA ASN B 146 -13.46 4.21 -15.35
C ASN B 146 -14.02 3.05 -14.51
N ALA B 147 -13.92 1.83 -15.04
CA ALA B 147 -14.46 0.66 -14.35
C ALA B 147 -13.41 -0.06 -13.53
N THR B 148 -13.69 -0.23 -12.24
CA THR B 148 -12.95 -1.17 -11.44
C THR B 148 -13.88 -2.34 -11.11
N LEU B 149 -13.28 -3.49 -10.84
CA LEU B 149 -13.98 -4.64 -10.26
C LEU B 149 -12.95 -5.62 -9.70
N ASP B 150 -13.17 -6.00 -8.46
CA ASP B 150 -12.43 -7.09 -7.82
C ASP B 150 -13.31 -8.34 -7.82
N GLY B 151 -12.81 -9.43 -8.42
CA GLY B 151 -13.49 -10.72 -8.42
C GLY B 151 -14.02 -11.18 -7.07
N GLY B 152 -13.37 -10.76 -5.98
CA GLY B 152 -13.86 -11.06 -4.65
C GLY B 152 -15.18 -10.39 -4.34
N ASP B 153 -15.53 -9.39 -5.14
CA ASP B 153 -16.81 -8.71 -4.98
C ASP B 153 -17.91 -9.41 -5.76
N VAL B 154 -17.58 -10.54 -6.37
CA VAL B 154 -18.55 -11.22 -7.21
C VAL B 154 -19.00 -12.57 -6.66
N LEU B 155 -20.28 -12.63 -6.30
CA LEU B 155 -20.92 -13.89 -5.96
C LEU B 155 -21.72 -14.37 -7.14
N PHE B 156 -21.45 -15.61 -7.55
CA PHE B 156 -22.25 -16.25 -8.57
C PHE B 156 -22.97 -17.45 -8.00
N THR B 157 -24.30 -17.32 -7.90
CA THR B 157 -25.16 -18.31 -7.26
C THR B 157 -25.50 -19.54 -8.09
N GLY B 158 -25.10 -19.56 -9.36
CA GLY B 158 -25.47 -20.65 -10.24
C GLY B 158 -26.76 -20.36 -10.96
N ARG B 159 -27.54 -19.46 -10.37
CA ARG B 159 -28.73 -18.89 -10.98
C ARG B 159 -28.45 -17.43 -11.40
N GLU B 160 -27.54 -16.76 -10.71
CA GLU B 160 -27.23 -15.38 -11.04
C GLU B 160 -25.99 -14.81 -10.35
N PHE B 161 -25.69 -13.56 -10.69
CA PHE B 161 -24.56 -12.87 -10.11
C PHE B 161 -25.08 -11.80 -9.18
N PHE B 162 -24.43 -11.64 -8.04
CA PHE B 162 -24.60 -10.45 -7.24
C PHE B 162 -23.21 -9.83 -7.23
N VAL B 163 -23.10 -8.50 -7.17
CA VAL B 163 -21.78 -7.85 -7.24
C VAL B 163 -21.63 -6.72 -6.23
N GLY B 164 -20.74 -6.89 -5.25
CA GLY B 164 -20.53 -5.90 -4.22
C GLY B 164 -20.04 -4.55 -4.73
N LEU B 165 -20.79 -3.50 -4.39
CA LEU B 165 -20.35 -2.13 -4.68
C LEU B 165 -19.53 -1.65 -3.51
N SER B 166 -18.22 -1.65 -3.69
CA SER B 166 -17.30 -1.37 -2.60
C SER B 166 -16.24 -0.37 -3.04
N LYS B 167 -15.21 -0.26 -2.21
CA LYS B 167 -14.12 0.65 -2.48
C LYS B 167 -13.22 0.13 -3.60
N ARG B 168 -13.51 -1.08 -4.10
CA ARG B 168 -12.71 -1.67 -5.17
C ARG B 168 -13.51 -1.93 -6.48
N THR B 169 -14.83 -1.99 -6.38
CA THR B 169 -15.70 -2.34 -7.51
C THR B 169 -16.79 -1.28 -7.72
N ASN B 170 -16.83 -0.69 -8.91
CA ASN B 170 -17.80 0.37 -9.15
C ASN B 170 -18.88 0.01 -10.15
N GLN B 171 -19.85 0.90 -10.30
CA GLN B 171 -20.99 0.66 -11.18
C GLN B 171 -20.53 0.29 -12.59
N ARG B 172 -19.59 1.06 -13.13
CA ARG B 172 -19.10 0.85 -14.49
C ARG B 172 -18.48 -0.54 -14.62
N GLY B 173 -18.02 -1.08 -13.50
CA GLY B 173 -17.51 -2.43 -13.47
C GLY B 173 -18.63 -3.45 -13.48
N ALA B 174 -19.61 -3.26 -12.61
CA ALA B 174 -20.75 -4.18 -12.54
C ALA B 174 -21.49 -4.19 -13.86
N GLU B 175 -21.52 -3.02 -14.52
CA GLU B 175 -22.11 -2.87 -15.83
C GLU B 175 -21.40 -3.74 -16.87
N ILE B 176 -20.08 -3.61 -16.94
CA ILE B 176 -19.27 -4.38 -17.87
C ILE B 176 -19.35 -5.89 -17.60
N LEU B 177 -19.36 -6.25 -16.32
CA LEU B 177 -19.45 -7.66 -15.97
C LEU B 177 -20.81 -8.17 -16.42
N ALA B 178 -21.84 -7.35 -16.22
CA ALA B 178 -23.19 -7.67 -16.66
C ALA B 178 -23.21 -7.91 -18.17
N ASP B 179 -22.65 -6.95 -18.90
CA ASP B 179 -22.61 -6.97 -20.35
C ASP B 179 -21.97 -8.25 -20.89
N THR B 180 -21.05 -8.78 -20.10
CA THR B 180 -20.24 -9.91 -20.54
C THR B 180 -21.02 -11.22 -20.48
N PHE B 181 -21.71 -11.44 -19.37
CA PHE B 181 -22.48 -12.66 -19.17
C PHE B 181 -23.96 -12.36 -19.32
N LYS B 182 -24.39 -12.06 -20.53
CA LYS B 182 -25.77 -11.65 -20.79
C LYS B 182 -26.83 -12.70 -20.41
N ASP B 183 -26.46 -13.98 -20.51
CA ASP B 183 -27.37 -15.07 -20.23
C ASP B 183 -27.58 -15.26 -18.74
N TYR B 184 -27.10 -14.32 -17.94
CA TYR B 184 -27.31 -14.33 -16.50
C TYR B 184 -27.64 -12.92 -16.02
N ALA B 185 -28.48 -12.84 -15.00
CA ALA B 185 -28.88 -11.55 -14.49
C ALA B 185 -27.93 -11.06 -13.36
N VAL B 186 -27.65 -9.77 -13.34
CA VAL B 186 -26.70 -9.22 -12.38
C VAL B 186 -27.32 -8.12 -11.54
N SER B 187 -27.28 -8.29 -10.23
CA SER B 187 -27.66 -7.21 -9.33
C SER B 187 -26.43 -6.77 -8.52
N THR B 188 -26.50 -5.56 -7.99
CA THR B 188 -25.42 -5.03 -7.14
C THR B 188 -25.88 -4.93 -5.68
N VAL B 189 -24.94 -4.77 -4.78
CA VAL B 189 -25.24 -4.69 -3.36
C VAL B 189 -24.12 -3.93 -2.65
N PRO B 190 -24.47 -2.83 -1.96
CA PRO B 190 -23.44 -1.98 -1.40
C PRO B 190 -22.69 -2.67 -0.28
N VAL B 191 -21.42 -2.96 -0.51
CA VAL B 191 -20.53 -3.42 0.55
C VAL B 191 -19.84 -2.18 1.12
N ALA B 192 -19.60 -2.17 2.43
CA ALA B 192 -19.04 -0.96 3.04
C ALA B 192 -17.80 -1.19 3.90
N ASP B 193 -16.98 -0.15 3.98
CA ASP B 193 -15.84 -0.08 4.87
C ASP B 193 -14.67 -0.94 4.40
N GLY B 194 -14.44 -0.99 3.10
CA GLY B 194 -13.30 -1.72 2.58
C GLY B 194 -13.39 -3.21 2.85
N LEU B 195 -14.62 -3.72 2.88
CA LEU B 195 -14.83 -5.15 2.83
C LEU B 195 -15.21 -5.49 1.40
N HIS B 196 -15.08 -6.76 1.05
CA HIS B 196 -15.57 -7.24 -0.22
C HIS B 196 -16.79 -8.11 0.01
N LEU B 197 -17.67 -8.14 -0.99
CA LEU B 197 -18.94 -8.84 -0.88
C LEU B 197 -18.77 -10.29 -0.42
N LYS B 198 -17.69 -10.92 -0.86
CA LYS B 198 -17.46 -12.29 -0.44
C LYS B 198 -16.56 -12.37 0.78
N SER B 199 -16.56 -11.31 1.57
CA SER B 199 -15.86 -11.30 2.85
C SER B 199 -16.81 -11.79 3.94
N PHE B 200 -18.11 -11.75 3.66
CA PHE B 200 -19.09 -12.28 4.59
C PHE B 200 -20.03 -13.29 3.95
N CYS B 201 -19.66 -13.84 2.80
CA CYS B 201 -20.51 -14.87 2.18
C CYS B 201 -19.92 -15.65 1.02
N SER B 202 -20.60 -16.75 0.69
CA SER B 202 -20.34 -17.54 -0.51
C SER B 202 -21.31 -18.71 -0.59
N MET B 203 -21.34 -19.37 -1.74
CA MET B 203 -22.21 -20.52 -1.97
C MET B 203 -21.70 -21.76 -1.25
N ALA B 204 -22.54 -22.37 -0.41
CA ALA B 204 -22.17 -23.60 0.29
C ALA B 204 -22.79 -24.82 -0.37
N GLY B 205 -23.40 -24.61 -1.53
CA GLY B 205 -24.06 -25.65 -2.29
C GLY B 205 -25.19 -25.02 -3.07
N PRO B 206 -25.76 -25.76 -4.02
CA PRO B 206 -26.84 -25.24 -4.87
C PRO B 206 -27.96 -24.58 -4.07
N ASN B 207 -28.15 -23.27 -4.25
CA ASN B 207 -29.23 -22.52 -3.59
C ASN B 207 -28.96 -22.33 -2.10
N LEU B 208 -27.74 -22.66 -1.70
CA LEU B 208 -27.31 -22.48 -0.33
C LEU B 208 -26.28 -21.36 -0.29
N ILE B 209 -26.64 -20.27 0.37
CA ILE B 209 -25.73 -19.16 0.52
C ILE B 209 -25.21 -19.13 1.94
N ALA B 210 -23.89 -19.12 2.10
CA ALA B 210 -23.30 -19.02 3.42
C ALA B 210 -23.34 -17.57 3.87
N ILE B 211 -24.01 -17.31 4.99
CA ILE B 211 -24.18 -15.93 5.42
C ILE B 211 -23.68 -15.64 6.85
N GLY B 212 -22.94 -14.55 6.98
CA GLY B 212 -22.41 -14.13 8.26
C GLY B 212 -23.47 -13.57 9.18
N SER B 213 -23.21 -13.64 10.48
CA SER B 213 -24.20 -13.26 11.49
C SER B 213 -24.22 -11.77 11.85
N SER B 214 -23.16 -11.04 11.49
CA SER B 214 -23.10 -9.62 11.88
C SER B 214 -24.13 -8.80 11.13
N GLU B 215 -24.33 -7.55 11.56
CA GLU B 215 -25.37 -6.72 10.97
C GLU B 215 -25.11 -6.37 9.50
N SER B 216 -23.86 -6.11 9.16
CA SER B 216 -23.52 -5.76 7.78
C SER B 216 -23.97 -6.86 6.85
N ALA B 217 -23.62 -8.10 7.21
CA ALA B 217 -23.88 -9.26 6.36
C ALA B 217 -25.37 -9.51 6.13
N GLN B 218 -26.14 -9.52 7.22
CA GLN B 218 -27.57 -9.77 7.16
C GLN B 218 -28.28 -8.77 6.26
N LYS B 219 -27.94 -7.49 6.40
CA LYS B 219 -28.50 -6.43 5.57
C LYS B 219 -28.32 -6.72 4.09
N ALA B 220 -27.09 -7.04 3.70
CA ALA B 220 -26.77 -7.24 2.30
C ALA B 220 -27.49 -8.44 1.70
N LEU B 221 -27.69 -9.49 2.51
CA LEU B 221 -28.37 -10.71 2.06
C LEU B 221 -29.82 -10.42 1.72
N LYS B 222 -30.48 -9.70 2.60
CA LYS B 222 -31.87 -9.36 2.43
C LYS B 222 -32.03 -8.58 1.13
N ILE B 223 -31.06 -7.72 0.83
CA ILE B 223 -31.08 -6.98 -0.42
C ILE B 223 -31.08 -7.93 -1.60
N MET B 224 -30.34 -9.01 -1.49
CA MET B 224 -30.22 -9.97 -2.59
C MET B 224 -31.48 -10.80 -2.68
N GLN B 225 -32.04 -11.12 -1.53
CA GLN B 225 -33.30 -11.83 -1.46
C GLN B 225 -34.38 -11.07 -2.20
N GLN B 226 -34.37 -9.74 -2.06
CA GLN B 226 -35.29 -8.88 -2.79
C GLN B 226 -35.09 -9.01 -4.28
N MET B 227 -33.91 -8.60 -4.73
CA MET B 227 -33.58 -8.54 -6.13
C MET B 227 -33.62 -9.86 -6.88
N SER B 228 -33.91 -10.95 -6.18
CA SER B 228 -33.84 -12.26 -6.80
C SER B 228 -35.18 -12.79 -7.30
N ASP B 229 -35.17 -13.34 -8.51
CA ASP B 229 -36.37 -13.91 -9.12
C ASP B 229 -36.76 -15.22 -8.43
N HIS B 230 -36.44 -15.31 -7.14
CA HIS B 230 -36.77 -16.48 -6.32
C HIS B 230 -36.05 -16.42 -4.96
N ARG B 231 -36.15 -17.52 -4.22
CA ARG B 231 -35.61 -17.61 -2.87
C ARG B 231 -34.27 -18.31 -2.85
N TYR B 232 -33.45 -17.98 -1.85
CA TYR B 232 -32.25 -18.76 -1.57
C TYR B 232 -32.31 -19.27 -0.14
N ASP B 233 -31.86 -20.51 0.07
CA ASP B 233 -31.66 -21.03 1.41
C ASP B 233 -30.39 -20.43 2.04
N LYS B 234 -30.26 -20.57 3.35
CA LYS B 234 -29.17 -19.87 4.02
C LYS B 234 -28.55 -20.64 5.17
N LEU B 235 -27.24 -20.84 5.08
CA LEU B 235 -26.46 -21.36 6.19
C LEU B 235 -25.75 -20.20 6.88
N THR B 236 -26.28 -19.84 8.04
CA THR B 236 -25.75 -18.77 8.84
C THR B 236 -24.55 -19.23 9.69
N VAL B 237 -23.49 -18.43 9.68
CA VAL B 237 -22.32 -18.71 10.49
C VAL B 237 -22.10 -17.56 11.47
N PRO B 238 -21.62 -17.88 12.68
CA PRO B 238 -21.43 -16.86 13.71
C PRO B 238 -20.33 -15.87 13.33
N ASP B 239 -19.48 -16.26 12.40
CA ASP B 239 -18.28 -15.48 12.07
C ASP B 239 -18.24 -15.11 10.61
N ASP B 240 -18.52 -13.84 10.31
CA ASP B 240 -18.51 -13.36 8.94
C ASP B 240 -17.39 -13.98 8.08
N ILE B 241 -16.15 -13.86 8.52
CA ILE B 241 -15.02 -14.34 7.72
C ILE B 241 -15.18 -15.80 7.33
N ALA B 242 -15.68 -16.60 8.26
CA ALA B 242 -15.84 -18.03 8.03
C ALA B 242 -16.98 -18.30 7.05
N ALA B 243 -17.70 -17.24 6.68
CA ALA B 243 -18.82 -17.36 5.75
C ALA B 243 -18.33 -17.52 4.34
N ASN B 244 -17.03 -17.30 4.16
CA ASN B 244 -16.37 -17.47 2.87
C ASN B 244 -15.77 -18.86 2.78
N CYS B 245 -16.29 -19.68 1.88
CA CYS B 245 -15.90 -21.06 1.78
C CYS B 245 -16.01 -21.49 0.33
N ILE B 246 -15.58 -22.70 0.02
CA ILE B 246 -15.60 -23.17 -1.35
C ILE B 246 -16.50 -24.39 -1.51
N TYR B 247 -17.62 -24.24 -2.22
CA TYR B 247 -18.45 -25.39 -2.51
C TYR B 247 -18.02 -25.99 -3.83
N LEU B 248 -18.06 -27.32 -3.89
CA LEU B 248 -17.63 -28.04 -5.08
C LEU B 248 -18.42 -29.30 -5.31
N ASN B 249 -18.74 -29.56 -6.57
CA ASN B 249 -19.33 -30.82 -6.96
C ASN B 249 -18.34 -31.68 -7.72
N ILE B 250 -17.77 -32.65 -7.00
CA ILE B 250 -16.79 -33.57 -7.56
C ILE B 250 -17.47 -34.86 -8.00
N PRO B 251 -17.18 -35.31 -9.21
CA PRO B 251 -17.66 -36.59 -9.71
C PRO B 251 -17.37 -37.76 -8.76
N ASN B 252 -18.37 -38.59 -8.55
CA ASN B 252 -18.25 -39.79 -7.72
C ASN B 252 -17.76 -39.47 -6.30
N LYS B 253 -17.77 -38.18 -5.98
CA LYS B 253 -17.60 -37.71 -4.60
C LYS B 253 -18.87 -36.96 -4.15
N GLY B 254 -19.49 -36.21 -5.06
CA GLY B 254 -20.68 -35.44 -4.76
C GLY B 254 -20.37 -34.08 -4.15
N HIS B 255 -21.08 -33.75 -3.08
CA HIS B 255 -20.89 -32.46 -2.38
C HIS B 255 -19.54 -32.35 -1.68
N VAL B 256 -18.81 -31.28 -1.99
CA VAL B 256 -17.56 -30.94 -1.30
C VAL B 256 -17.51 -29.46 -0.92
N LEU B 257 -17.00 -29.17 0.26
CA LEU B 257 -16.97 -27.83 0.78
C LEU B 257 -15.66 -27.60 1.55
N LEU B 258 -14.90 -26.59 1.15
CA LEU B 258 -13.75 -26.22 1.96
C LEU B 258 -14.17 -25.14 2.93
N HIS B 259 -13.68 -25.21 4.15
CA HIS B 259 -14.07 -24.24 5.16
C HIS B 259 -13.01 -24.04 6.22
N ARG B 260 -13.10 -22.90 6.89
CA ARG B 260 -12.16 -22.54 7.93
C ARG B 260 -12.14 -23.55 9.08
N THR B 261 -10.95 -23.84 9.56
CA THR B 261 -10.73 -24.84 10.62
C THR B 261 -11.43 -24.52 11.92
N PRO B 262 -11.74 -25.57 12.70
CA PRO B 262 -12.24 -25.42 14.08
C PRO B 262 -11.24 -24.66 14.95
N GLU B 263 -9.96 -24.71 14.61
CA GLU B 263 -8.94 -24.05 15.41
C GLU B 263 -8.98 -22.54 15.23
N GLU B 264 -9.41 -22.11 14.06
CA GLU B 264 -9.60 -20.67 13.82
C GLU B 264 -10.98 -20.23 14.26
N TYR B 265 -12.00 -20.89 13.72
CA TYR B 265 -13.38 -20.45 13.92
C TYR B 265 -14.33 -21.54 14.40
N PRO B 266 -14.05 -22.12 15.58
CA PRO B 266 -14.67 -23.33 16.11
C PRO B 266 -16.18 -23.26 16.13
N GLU B 267 -16.75 -22.07 16.27
CA GLU B 267 -18.19 -21.93 16.31
C GLU B 267 -18.74 -22.01 14.90
N SER B 268 -18.03 -21.40 13.96
CA SER B 268 -18.44 -21.42 12.56
C SER B 268 -18.21 -22.82 12.01
N ALA B 269 -17.09 -23.42 12.39
CA ALA B 269 -16.86 -24.82 12.06
C ALA B 269 -18.03 -25.63 12.58
N LYS B 270 -18.36 -25.49 13.86
CA LYS B 270 -19.52 -26.16 14.44
C LYS B 270 -20.68 -26.21 13.45
N VAL B 271 -20.99 -25.06 12.86
CA VAL B 271 -22.06 -24.96 11.86
C VAL B 271 -21.80 -25.82 10.61
N TYR B 272 -20.67 -25.60 9.94
CA TYR B 272 -20.33 -26.36 8.74
C TYR B 272 -20.42 -27.87 8.96
N GLU B 273 -20.13 -28.33 10.18
CA GLU B 273 -20.09 -29.75 10.48
C GLU B 273 -21.46 -30.41 10.39
N LYS B 274 -22.50 -29.57 10.36
CA LYS B 274 -23.87 -30.07 10.34
C LYS B 274 -24.42 -30.32 8.94
N LEU B 275 -23.55 -30.16 7.92
CA LEU B 275 -23.89 -30.46 6.53
C LEU B 275 -23.66 -31.94 6.23
N LYS B 276 -24.67 -32.73 6.56
CA LYS B 276 -24.54 -34.18 6.57
C LYS B 276 -24.19 -34.78 5.20
N ASP B 277 -24.60 -34.13 4.13
CA ASP B 277 -24.38 -34.68 2.80
C ASP B 277 -23.18 -34.10 2.05
N HIS B 278 -22.40 -33.25 2.73
CA HIS B 278 -21.17 -32.68 2.15
C HIS B 278 -19.90 -33.39 2.62
N MET B 279 -18.90 -33.40 1.74
CA MET B 279 -17.54 -33.73 2.18
C MET B 279 -16.94 -32.47 2.78
N LEU B 280 -16.59 -32.52 4.05
CA LEU B 280 -16.06 -31.34 4.74
C LEU B 280 -14.54 -31.40 4.82
N ILE B 281 -13.90 -30.34 4.34
CA ILE B 281 -12.43 -30.24 4.28
C ILE B 281 -11.98 -28.95 4.94
N PRO B 282 -11.67 -29.00 6.25
CA PRO B 282 -11.24 -27.79 6.98
C PRO B 282 -9.88 -27.33 6.47
N VAL B 283 -9.81 -26.09 6.02
CA VAL B 283 -8.61 -25.54 5.38
C VAL B 283 -8.29 -24.18 6.00
N SER B 284 -7.09 -24.06 6.53
CA SER B 284 -6.67 -22.84 7.23
C SER B 284 -6.16 -21.78 6.27
N MET B 285 -6.29 -20.52 6.66
CA MET B 285 -5.78 -19.40 5.90
C MET B 285 -5.49 -18.30 6.89
N SER B 286 -4.92 -18.67 8.03
CA SER B 286 -4.78 -17.70 9.10
C SER B 286 -3.70 -16.66 8.84
N GLU B 287 -2.68 -17.04 8.07
CA GLU B 287 -1.61 -16.09 7.76
C GLU B 287 -2.06 -15.07 6.74
N LEU B 288 -2.67 -15.55 5.66
CA LEU B 288 -3.12 -14.69 4.57
C LEU B 288 -4.30 -13.84 5.01
N GLU B 289 -5.11 -14.36 5.91
CA GLU B 289 -6.17 -13.58 6.51
C GLU B 289 -5.65 -12.23 7.03
N LYS B 290 -4.38 -12.18 7.43
CA LYS B 290 -3.83 -10.92 7.93
C LYS B 290 -3.83 -9.85 6.83
N VAL B 291 -3.66 -10.28 5.58
CA VAL B 291 -3.74 -9.36 4.45
C VAL B 291 -5.08 -9.49 3.71
N ASP B 292 -6.12 -9.90 4.44
CA ASP B 292 -7.49 -9.97 3.91
C ASP B 292 -7.75 -11.06 2.87
N GLY B 293 -6.82 -11.99 2.70
CA GLY B 293 -7.00 -13.07 1.74
C GLY B 293 -7.71 -14.25 2.37
N LEU B 294 -8.88 -14.60 1.84
CA LEU B 294 -9.64 -15.76 2.31
C LEU B 294 -9.65 -16.84 1.26
N LEU B 295 -10.55 -17.80 1.44
CA LEU B 295 -10.50 -19.03 0.66
C LEU B 295 -10.76 -18.82 -0.83
N THR B 296 -11.88 -18.21 -1.16
CA THR B 296 -12.28 -18.08 -2.56
C THR B 296 -11.21 -17.32 -3.32
N CYS B 297 -10.51 -16.43 -2.61
CA CYS B 297 -9.50 -15.54 -3.18
C CYS B 297 -8.36 -16.23 -3.89
N CYS B 298 -8.05 -17.47 -3.52
CA CYS B 298 -6.78 -18.07 -3.94
C CYS B 298 -6.85 -19.02 -5.14
N SER B 299 -7.98 -19.01 -5.84
CA SER B 299 -8.13 -19.80 -7.06
C SER B 299 -9.17 -19.19 -7.98
N VAL B 300 -9.07 -19.50 -9.27
CA VAL B 300 -10.19 -19.30 -10.18
C VAL B 300 -10.62 -20.70 -10.59
N LEU B 301 -11.91 -20.96 -10.44
CA LEU B 301 -12.48 -22.29 -10.72
C LEU B 301 -13.09 -22.33 -12.11
N ILE B 302 -12.82 -23.40 -12.85
CA ILE B 302 -13.26 -23.45 -14.23
C ILE B 302 -13.72 -24.83 -14.66
N ASN B 303 -14.85 -24.86 -15.35
CA ASN B 303 -15.34 -26.07 -15.95
C ASN B 303 -15.05 -26.10 -17.45
N LYS B 304 -14.17 -27.00 -17.86
CA LYS B 304 -13.97 -27.26 -19.27
C LYS B 304 -14.79 -28.48 -19.70
N LYS B 305 -15.15 -28.53 -20.99
CA LYS B 305 -16.08 -29.53 -21.55
C LYS B 305 -15.81 -30.99 -21.16
C LN7 C . 3.87 19.32 -2.45
N LN7 C . 2.57 17.27 -2.82
CA LN7 C . 3.54 17.93 -1.91
CB LN7 C . 4.82 17.10 -1.86
CD LN7 C . 7.14 16.82 -0.90
NE LN7 C . 8.13 17.45 0.01
CG LN7 C . 5.86 17.69 -0.90
CZ LN7 C . 9.46 16.81 -0.01
OA1 LN7 C . 4.25 20.18 -1.62
OA2 LN7 C . 3.76 19.49 -3.69
CH1 LN7 C . 9.92 16.84 -1.49
NH2 LN7 C . 10.30 17.62 0.88
CI1 LN7 C . 11.15 18.94 -1.30
CK1 LN7 C . 12.46 18.15 -1.36
CT1 LN7 C . 10.06 18.23 -2.10
C LN7 D . -5.72 -7.07 -1.19
N LN7 D . -4.02 -7.94 0.34
CA LN7 D . -4.93 -8.31 -0.76
CB LN7 D . -5.94 -9.37 -0.32
CD LN7 D . -7.90 -10.81 -0.93
NE LN7 D . -8.86 -11.18 -1.99
CG LN7 D . -6.88 -9.79 -1.45
CZ LN7 D . -10.01 -11.98 -1.52
OA1 LN7 D . -5.35 -6.53 -2.26
OA2 LN7 D . -6.66 -6.71 -0.45
CH1 LN7 D . -10.56 -11.20 -0.30
NH2 LN7 D . -10.96 -12.04 -2.65
CI1 LN7 D . -12.03 -9.85 -1.69
CK1 LN7 D . -13.23 -10.67 -1.21
CT1 LN7 D . -10.95 -9.78 -0.62
#